data_6XQ5
#
_entry.id   6XQ5
#
_cell.length_a   101.735
_cell.length_b   101.735
_cell.length_c   101.812
_cell.angle_alpha   90.000
_cell.angle_beta   90.000
_cell.angle_gamma   120.000
#
_symmetry.space_group_name_H-M   'P 62'
#
loop_
_entity.id
_entity.type
_entity.pdbx_description
1 polymer 'Advanced glycosylation end product-specific receptor'
2 non-polymer 'ACETATE ION'
3 non-polymer 'CHLORIDE ION'
4 non-polymer '7-methyl-3-phenyl-1H-indole-2-carboxylic acid'
5 water water
#
_entity_poly.entity_id   1
_entity_poly.type   'polypeptide(L)'
_entity_poly.pdbx_seq_one_letter_code
;GAMAQNITARIGEPLVLKCKGAPKKPPQRLEWKLNTGRTEAWKVLSPQGGGPWDSVARVLPNGSLFLPAVGIQDEGIFRC
QAMNRNGKETKSNYRVRVYQIPGKPEIVDSASELTAGVPNKVGTCVSEGSYPAGTLSWHLDGKPLVPNEKGVSVKEQTRR
HPETGLFTLQSELMVTPARGGDPRPTFSCSFSPGLPRHRALRTAPIQPRVWE
;
_entity_poly.pdbx_strand_id   A,B
#
loop_
_chem_comp.id
_chem_comp.type
_chem_comp.name
_chem_comp.formula
ACT non-polymer 'ACETATE ION' 'C2 H3 O2 -1'
CL non-polymer 'CHLORIDE ION' 'Cl -1'
V6M non-polymer '7-methyl-3-phenyl-1H-indole-2-carboxylic acid' 'C16 H13 N O2'
#
# COMPACT_ATOMS: atom_id res chain seq x y z
N GLY A 1 -1.06 -25.99 -3.68
CA GLY A 1 -2.23 -25.30 -3.16
C GLY A 1 -2.96 -24.66 -4.35
N ALA A 2 -3.82 -23.69 -4.09
CA ALA A 2 -4.58 -23.03 -5.14
C ALA A 2 -3.84 -21.79 -5.61
N MET A 3 -4.34 -21.18 -6.70
CA MET A 3 -3.78 -19.90 -7.12
C MET A 3 -4.04 -18.82 -6.06
N ALA A 4 -3.02 -18.04 -5.76
CA ALA A 4 -3.14 -17.02 -4.73
C ALA A 4 -2.40 -15.76 -5.13
N GLN A 5 -2.80 -14.64 -4.52
CA GLN A 5 -1.98 -13.45 -4.58
CA GLN A 5 -1.99 -13.43 -4.56
C GLN A 5 -0.89 -13.54 -3.52
N ASN A 6 0.37 -13.39 -3.95
CA ASN A 6 1.52 -13.38 -3.06
CA ASN A 6 1.44 -13.44 -2.97
C ASN A 6 1.60 -12.07 -2.30
N ILE A 7 1.79 -12.12 -0.97
CA ILE A 7 1.83 -10.93 -0.13
C ILE A 7 3.10 -11.05 0.68
N THR A 8 3.91 -9.98 0.73
CA THR A 8 5.07 -9.97 1.62
C THR A 8 4.83 -8.92 2.70
N ALA A 9 5.01 -9.32 3.95
CA ALA A 9 4.67 -8.48 5.08
C ALA A 9 5.88 -8.36 5.96
N ARG A 10 6.25 -7.13 6.28
CA ARG A 10 7.44 -6.93 7.11
C ARG A 10 7.08 -7.20 8.56
N ILE A 11 7.92 -8.00 9.23
CA ILE A 11 7.70 -8.30 10.63
C ILE A 11 7.60 -7.01 11.44
N GLY A 12 6.59 -6.96 12.34
CA GLY A 12 6.39 -5.83 13.23
C GLY A 12 5.49 -4.75 12.68
N GLU A 13 5.18 -4.79 11.36
CA GLU A 13 4.32 -3.80 10.70
C GLU A 13 2.90 -4.35 10.59
N PRO A 14 1.92 -3.47 10.45
CA PRO A 14 0.54 -3.95 10.26
C PRO A 14 0.36 -4.53 8.88
N LEU A 15 -0.66 -5.38 8.78
CA LEU A 15 -1.05 -5.92 7.48
C LEU A 15 -2.57 -5.80 7.35
N VAL A 16 -3.03 -5.30 6.20
CA VAL A 16 -4.45 -5.29 5.85
C VAL A 16 -4.63 -6.12 4.60
N LEU A 17 -5.55 -7.08 4.66
CA LEU A 17 -5.91 -7.89 3.49
C LEU A 17 -7.37 -7.64 3.08
N LYS A 18 -7.57 -7.31 1.80
CA LYS A 18 -8.90 -6.98 1.28
C LYS A 18 -9.76 -8.24 1.12
N CYS A 19 -11.01 -8.15 1.52
CA CYS A 19 -11.97 -9.22 1.23
C CYS A 19 -12.70 -8.77 -0.02
N LYS A 20 -12.29 -9.30 -1.18
CA LYS A 20 -12.87 -8.84 -2.44
C LYS A 20 -14.35 -9.18 -2.47
N GLY A 21 -15.15 -8.25 -3.03
CA GLY A 21 -16.56 -8.56 -3.17
C GLY A 21 -17.40 -8.42 -1.92
N ALA A 22 -16.82 -7.96 -0.80
CA ALA A 22 -17.63 -7.74 0.39
C ALA A 22 -18.34 -6.39 0.28
N PRO A 23 -19.57 -6.29 0.81
CA PRO A 23 -20.24 -4.97 0.90
C PRO A 23 -19.37 -3.99 1.67
N LYS A 24 -19.58 -2.69 1.39
CA LYS A 24 -18.68 -1.67 1.94
C LYS A 24 -18.76 -1.54 3.45
N LYS A 25 -19.90 -1.87 4.04
CA LYS A 25 -20.08 -1.67 5.47
C LYS A 25 -21.01 -2.76 5.95
N PRO A 26 -21.05 -3.02 7.25
CA PRO A 26 -21.90 -4.08 7.77
C PRO A 26 -23.35 -3.75 7.49
N PRO A 27 -24.24 -4.76 7.48
CA PRO A 27 -23.95 -6.19 7.67
C PRO A 27 -23.35 -6.86 6.45
N GLN A 28 -22.49 -7.86 6.68
CA GLN A 28 -21.80 -8.55 5.59
C GLN A 28 -21.83 -10.03 5.88
N ARG A 29 -22.14 -10.82 4.87
CA ARG A 29 -22.03 -12.28 4.94
C ARG A 29 -20.64 -12.58 4.39
N LEU A 30 -19.68 -12.72 5.30
CA LEU A 30 -18.33 -13.03 4.87
C LEU A 30 -17.63 -13.82 5.96
N GLU A 31 -16.63 -14.62 5.55
CA GLU A 31 -15.84 -15.38 6.51
C GLU A 31 -14.39 -15.38 6.06
N TRP A 32 -13.47 -15.19 7.00
CA TRP A 32 -12.03 -15.37 6.76
C TRP A 32 -11.62 -16.74 7.32
N LYS A 33 -10.75 -17.41 6.60
CA LYS A 33 -10.11 -18.65 7.07
C LYS A 33 -8.62 -18.47 6.94
N LEU A 34 -7.85 -18.85 8.00
CA LEU A 34 -6.42 -18.67 7.98
C LEU A 34 -5.77 -20.00 8.36
N ASN A 35 -4.64 -20.29 7.76
CA ASN A 35 -3.82 -21.44 8.18
C ASN A 35 -2.40 -20.91 8.24
N THR A 36 -1.92 -20.69 9.47
CA THR A 36 -0.62 -20.06 9.65
C THR A 36 0.16 -20.79 10.71
N GLY A 37 1.31 -20.25 11.09
CA GLY A 37 2.03 -20.85 12.22
C GLY A 37 1.28 -20.80 13.54
N ARG A 38 0.25 -19.98 13.64
CA ARG A 38 -0.54 -19.88 14.85
C ARG A 38 -1.63 -20.93 14.92
N THR A 39 -1.99 -21.58 13.81
CA THR A 39 -3.23 -22.36 13.79
C THR A 39 -2.91 -23.85 13.72
N GLU A 40 -3.91 -24.64 14.12
CA GLU A 40 -3.93 -26.06 13.76
C GLU A 40 -4.87 -26.16 12.53
N ALA A 41 -4.28 -26.28 11.35
CA ALA A 41 -5.08 -26.32 10.10
C ALA A 41 -5.88 -25.00 9.97
N TRP A 42 -7.12 -25.00 9.54
CA TRP A 42 -7.78 -23.72 9.30
CA TRP A 42 -7.90 -23.77 9.25
C TRP A 42 -8.52 -23.20 10.52
N LYS A 43 -8.42 -21.89 10.72
CA LYS A 43 -9.14 -21.18 11.77
C LYS A 43 -10.08 -20.22 11.07
N VAL A 44 -11.38 -20.22 11.46
CA VAL A 44 -12.34 -19.30 10.87
C VAL A 44 -12.49 -18.04 11.73
N LEU A 45 -12.47 -16.88 11.09
CA LEU A 45 -12.68 -15.57 11.73
C LEU A 45 -13.86 -14.85 11.09
N SER A 46 -14.66 -14.20 11.91
CA SER A 46 -15.88 -13.62 11.39
C SER A 46 -15.95 -12.15 11.80
N PRO A 47 -16.82 -11.38 11.15
CA PRO A 47 -16.95 -9.95 11.51
C PRO A 47 -17.26 -9.72 12.98
N GLN A 48 -18.02 -10.61 13.64
CA GLN A 48 -18.28 -10.42 15.07
C GLN A 48 -17.01 -10.52 15.90
N GLY A 49 -16.11 -11.44 15.54
CA GLY A 49 -14.89 -11.55 16.31
C GLY A 49 -15.15 -12.14 17.68
N GLY A 50 -14.29 -11.78 18.64
CA GLY A 50 -14.31 -12.29 19.99
C GLY A 50 -13.14 -13.22 20.27
N GLY A 51 -12.82 -13.36 21.55
CA GLY A 51 -11.81 -14.30 21.99
C GLY A 51 -10.39 -13.80 21.75
N PRO A 52 -9.40 -14.68 21.99
CA PRO A 52 -8.00 -14.26 21.93
C PRO A 52 -7.56 -13.83 20.55
N TRP A 53 -8.24 -14.32 19.49
CA TRP A 53 -7.87 -13.84 18.16
C TRP A 53 -8.08 -12.35 18.00
N ASP A 54 -8.96 -11.74 18.80
CA ASP A 54 -9.14 -10.28 18.67
C ASP A 54 -7.84 -9.52 18.95
N SER A 55 -6.89 -10.14 19.66
CA SER A 55 -5.60 -9.48 19.88
C SER A 55 -4.66 -9.62 18.70
N VAL A 56 -4.94 -10.53 17.77
CA VAL A 56 -4.02 -10.88 16.71
C VAL A 56 -4.51 -10.44 15.35
N ALA A 57 -5.78 -10.75 15.01
CA ALA A 57 -6.31 -10.42 13.67
C ALA A 57 -7.79 -10.17 13.83
N ARG A 58 -8.27 -9.03 13.29
CA ARG A 58 -9.68 -8.68 13.42
C ARG A 58 -10.22 -8.26 12.07
N VAL A 59 -11.50 -8.55 11.84
CA VAL A 59 -12.18 -8.10 10.64
C VAL A 59 -12.61 -6.66 10.84
N LEU A 60 -12.30 -5.82 9.87
CA LEU A 60 -12.63 -4.39 9.93
C LEU A 60 -14.04 -4.13 9.41
N PRO A 61 -14.52 -2.87 9.58
CA PRO A 61 -15.87 -2.57 9.08
C PRO A 61 -16.07 -2.86 7.60
N ASN A 62 -15.06 -2.65 6.75
CA ASN A 62 -15.23 -2.94 5.34
C ASN A 62 -14.95 -4.41 5.02
N GLY A 63 -14.77 -5.23 6.04
CA GLY A 63 -14.56 -6.66 5.77
C GLY A 63 -13.11 -7.08 5.59
N SER A 64 -12.17 -6.14 5.51
CA SER A 64 -10.75 -6.49 5.39
CA SER A 64 -10.77 -6.51 5.40
C SER A 64 -10.26 -7.12 6.70
N LEU A 65 -9.22 -7.97 6.61
CA LEU A 65 -8.63 -8.53 7.79
C LEU A 65 -7.44 -7.67 8.19
N PHE A 66 -7.28 -7.41 9.49
CA PHE A 66 -6.24 -6.49 9.97
C PHE A 66 -5.42 -7.17 11.03
N LEU A 67 -4.09 -7.22 10.82
CA LEU A 67 -3.14 -7.65 11.85
C LEU A 67 -2.32 -6.44 12.27
N PRO A 68 -2.36 -6.02 13.52
CA PRO A 68 -1.65 -4.78 13.91
C PRO A 68 -0.13 -4.90 13.84
N ALA A 69 0.42 -6.10 14.07
CA ALA A 69 1.89 -6.24 14.03
C ALA A 69 2.22 -7.68 13.63
N VAL A 70 2.63 -7.88 12.38
CA VAL A 70 2.87 -9.21 11.82
C VAL A 70 4.06 -9.84 12.53
N GLY A 71 3.95 -11.15 12.80
CA GLY A 71 5.08 -11.90 13.34
C GLY A 71 5.45 -13.06 12.43
N ILE A 72 6.57 -13.71 12.78
CA ILE A 72 6.99 -14.88 12.00
C ILE A 72 5.87 -15.89 11.91
N GLN A 73 5.13 -16.06 13.02
CA GLN A 73 4.13 -17.14 13.00
C GLN A 73 2.91 -16.78 12.14
N ASP A 74 2.81 -15.55 11.62
CA ASP A 74 1.70 -15.24 10.72
C ASP A 74 1.91 -15.64 9.27
N GLU A 75 3.05 -16.19 8.91
CA GLU A 75 3.23 -16.75 7.59
C GLU A 75 2.19 -17.84 7.32
N GLY A 76 1.60 -17.83 6.14
CA GLY A 76 0.65 -18.90 5.83
C GLY A 76 -0.35 -18.44 4.77
N ILE A 77 -1.55 -18.99 4.84
CA ILE A 77 -2.56 -18.75 3.82
C ILE A 77 -3.74 -18.08 4.46
N PHE A 78 -4.26 -17.01 3.81
CA PHE A 78 -5.39 -16.24 4.33
C PHE A 78 -6.45 -16.17 3.24
N ARG A 79 -7.68 -16.58 3.53
CA ARG A 79 -8.72 -16.63 2.48
C ARG A 79 -9.99 -15.99 2.98
N CYS A 80 -10.70 -15.34 2.06
CA CYS A 80 -12.00 -14.73 2.39
C CYS A 80 -13.02 -15.28 1.41
N GLN A 81 -14.23 -15.46 1.89
CA GLN A 81 -15.38 -15.65 1.00
C GLN A 81 -16.47 -14.68 1.43
N ALA A 82 -17.00 -13.89 0.45
CA ALA A 82 -18.00 -12.87 0.77
C ALA A 82 -19.15 -12.96 -0.22
N MET A 83 -20.34 -12.61 0.23
CA MET A 83 -21.48 -12.36 -0.66
C MET A 83 -21.75 -10.86 -0.71
N ASN A 84 -21.90 -10.30 -1.90
CA ASN A 84 -22.33 -8.90 -2.02
C ASN A 84 -23.86 -8.81 -1.84
N ARG A 85 -24.42 -7.60 -2.00
CA ARG A 85 -25.86 -7.43 -1.83
C ARG A 85 -26.65 -8.08 -2.96
N ASN A 86 -26.01 -8.38 -4.10
CA ASN A 86 -26.66 -9.04 -5.23
C ASN A 86 -26.72 -10.55 -5.07
N GLY A 87 -25.98 -11.13 -4.12
CA GLY A 87 -25.94 -12.57 -3.96
C GLY A 87 -24.71 -13.23 -4.56
N LYS A 88 -23.87 -12.47 -5.26
CA LYS A 88 -22.68 -13.05 -5.88
C LYS A 88 -21.64 -13.36 -4.81
N GLU A 89 -21.07 -14.57 -4.88
CA GLU A 89 -19.99 -14.96 -3.98
C GLU A 89 -18.64 -14.67 -4.63
N THR A 90 -17.71 -14.15 -3.83
CA THR A 90 -16.39 -13.83 -4.34
C THR A 90 -15.40 -14.38 -3.33
N LYS A 91 -14.35 -14.99 -3.83
CA LYS A 91 -13.28 -15.56 -3.01
C LYS A 91 -11.99 -14.76 -3.16
N SER A 92 -11.21 -14.68 -2.08
CA SER A 92 -9.91 -14.04 -2.07
C SER A 92 -8.94 -15.04 -1.46
N ASN A 93 -7.78 -15.20 -2.05
CA ASN A 93 -6.80 -16.18 -1.61
C ASN A 93 -5.44 -15.50 -1.57
N TYR A 94 -4.82 -15.42 -0.37
CA TYR A 94 -3.54 -14.76 -0.20
C TYR A 94 -2.52 -15.74 0.39
N ARG A 95 -1.32 -15.70 -0.13
CA ARG A 95 -0.20 -16.45 0.48
C ARG A 95 0.70 -15.38 1.09
N VAL A 96 0.80 -15.38 2.43
CA VAL A 96 1.52 -14.33 3.16
C VAL A 96 2.89 -14.86 3.60
N ARG A 97 3.93 -14.17 3.16
CA ARG A 97 5.32 -14.47 3.52
CA ARG A 97 5.31 -14.48 3.55
C ARG A 97 5.86 -13.28 4.30
N VAL A 98 6.57 -13.52 5.39
CA VAL A 98 6.99 -12.43 6.24
CA VAL A 98 7.00 -12.41 6.21
C VAL A 98 8.51 -12.26 6.11
N TYR A 99 8.97 -11.05 6.40
CA TYR A 99 10.40 -10.78 6.28
C TYR A 99 10.86 -9.70 7.25
N GLN A 100 12.17 -9.67 7.48
CA GLN A 100 12.79 -8.53 8.14
C GLN A 100 14.11 -8.21 7.46
N ILE A 101 14.42 -6.93 7.38
CA ILE A 101 15.63 -6.46 6.73
C ILE A 101 16.72 -6.37 7.80
N PRO A 102 17.90 -6.98 7.61
CA PRO A 102 18.95 -6.86 8.62
C PRO A 102 19.57 -5.47 8.59
N GLY A 103 20.37 -5.16 9.62
CA GLY A 103 21.23 -3.99 9.55
C GLY A 103 22.23 -4.14 8.43
N LYS A 104 22.82 -3.02 8.03
CA LYS A 104 23.85 -3.04 6.99
C LYS A 104 24.94 -4.04 7.40
N PRO A 105 25.41 -4.88 6.50
CA PRO A 105 26.45 -5.85 6.88
C PRO A 105 27.79 -5.17 7.13
N GLU A 106 28.60 -5.83 7.93
CA GLU A 106 29.89 -5.27 8.32
C GLU A 106 30.97 -6.31 8.15
N ILE A 107 32.17 -5.88 7.79
CA ILE A 107 33.32 -6.77 7.80
C ILE A 107 34.08 -6.52 9.10
N VAL A 108 34.34 -7.58 9.87
CA VAL A 108 35.16 -7.55 11.09
C VAL A 108 36.44 -8.41 10.92
N ASP A 109 37.49 -8.10 11.70
CA ASP A 109 38.77 -8.83 11.60
C ASP A 109 39.31 -8.99 10.19
N SER A 110 39.28 -7.89 9.45
CA SER A 110 39.83 -7.87 8.11
C SER A 110 41.35 -7.82 8.21
N ALA A 111 41.99 -8.47 7.25
CA ALA A 111 43.45 -8.48 7.26
C ALA A 111 43.95 -7.21 6.60
N SER A 112 45.08 -6.68 7.12
CA SER A 112 45.69 -5.53 6.43
C SER A 112 46.67 -5.98 5.36
N GLU A 113 47.28 -7.12 5.56
CA GLU A 113 48.28 -7.62 4.61
C GLU A 113 47.97 -9.06 4.27
N LEU A 114 48.09 -9.38 3.00
CA LEU A 114 48.03 -10.75 2.53
C LEU A 114 49.37 -11.10 1.91
N THR A 115 49.71 -12.38 1.96
CA THR A 115 50.90 -12.92 1.32
C THR A 115 50.51 -13.75 0.10
N ALA A 116 51.06 -13.37 -1.07
CA ALA A 116 50.80 -14.11 -2.31
C ALA A 116 51.21 -15.57 -2.19
N GLY A 117 50.42 -16.47 -2.77
CA GLY A 117 50.82 -17.85 -2.85
C GLY A 117 50.54 -18.69 -1.63
N VAL A 118 49.99 -18.11 -0.57
CA VAL A 118 49.61 -18.89 0.60
C VAL A 118 48.19 -18.52 0.99
N PRO A 119 47.49 -19.39 1.68
CA PRO A 119 46.15 -19.03 2.18
C PRO A 119 46.22 -17.93 3.22
N ASN A 120 45.30 -16.96 3.11
CA ASN A 120 45.17 -15.83 4.01
C ASN A 120 43.71 -15.69 4.42
N LYS A 121 43.44 -15.44 5.70
CA LYS A 121 42.11 -14.99 6.12
C LYS A 121 41.94 -13.53 5.72
N VAL A 122 40.95 -13.24 4.87
CA VAL A 122 40.71 -11.87 4.45
C VAL A 122 39.86 -11.14 5.47
N GLY A 123 38.84 -11.80 6.01
CA GLY A 123 37.99 -11.14 6.97
C GLY A 123 36.74 -11.95 7.20
N THR A 124 35.89 -11.42 8.08
CA THR A 124 34.61 -12.06 8.43
C THR A 124 33.48 -11.07 8.21
N CYS A 125 32.51 -11.43 7.42
CA CYS A 125 31.37 -10.54 7.19
C CYS A 125 30.24 -10.98 8.11
N VAL A 126 29.48 -10.02 8.66
CA VAL A 126 28.43 -10.31 9.64
C VAL A 126 27.18 -9.49 9.27
N SER A 127 26.02 -10.15 9.28
CA SER A 127 24.76 -9.49 9.07
CA SER A 127 24.76 -9.47 9.09
C SER A 127 23.81 -9.91 10.18
N GLU A 128 23.10 -8.96 10.80
CA GLU A 128 22.26 -9.24 11.96
C GLU A 128 20.84 -8.80 11.71
N GLY A 129 19.91 -9.71 11.96
CA GLY A 129 18.52 -9.37 12.06
C GLY A 129 17.68 -9.64 10.81
N SER A 130 17.99 -10.66 10.03
CA SER A 130 17.23 -10.93 8.81
C SER A 130 16.12 -11.97 9.04
N TYR A 131 15.08 -11.92 8.18
CA TYR A 131 14.14 -13.05 8.07
C TYR A 131 13.59 -12.97 6.65
N PRO A 132 13.58 -14.06 5.89
CA PRO A 132 14.21 -15.35 6.14
C PRO A 132 15.73 -15.19 6.20
N ALA A 133 16.50 -16.27 6.43
CA ALA A 133 17.92 -16.05 6.72
C ALA A 133 18.61 -15.20 5.66
N GLY A 134 18.40 -15.50 4.35
CA GLY A 134 19.23 -14.82 3.33
C GLY A 134 20.65 -15.40 3.30
N THR A 135 21.53 -14.78 2.50
CA THR A 135 22.87 -15.35 2.32
C THR A 135 23.90 -14.24 2.23
N LEU A 136 25.14 -14.55 2.57
CA LEU A 136 26.25 -13.61 2.40
C LEU A 136 27.15 -14.07 1.26
N SER A 137 27.71 -13.10 0.48
CA SER A 137 28.64 -13.48 -0.58
C SER A 137 29.74 -12.42 -0.70
N TRP A 138 30.91 -12.88 -1.12
CA TRP A 138 32.08 -12.01 -1.24
C TRP A 138 32.30 -11.60 -2.70
N HIS A 139 32.85 -10.39 -2.86
CA HIS A 139 33.20 -9.84 -4.16
C HIS A 139 34.62 -9.34 -4.11
N LEU A 140 35.32 -9.48 -5.24
CA LEU A 140 36.67 -8.96 -5.40
C LEU A 140 36.65 -8.01 -6.58
N ASP A 141 36.99 -6.74 -6.34
CA ASP A 141 37.00 -5.71 -7.38
C ASP A 141 35.72 -5.78 -8.22
N GLY A 142 34.59 -5.91 -7.52
CA GLY A 142 33.29 -5.93 -8.16
C GLY A 142 32.88 -7.25 -8.79
N LYS A 143 33.69 -8.26 -8.72
CA LYS A 143 33.26 -9.53 -9.29
C LYS A 143 32.95 -10.51 -8.16
N PRO A 144 31.86 -11.26 -8.27
CA PRO A 144 31.59 -12.30 -7.26
C PRO A 144 32.76 -13.25 -7.12
N LEU A 145 33.12 -13.54 -5.87
CA LEU A 145 34.09 -14.58 -5.57
C LEU A 145 33.33 -15.88 -5.34
N VAL A 146 33.74 -16.94 -6.01
CA VAL A 146 33.03 -18.21 -5.96
C VAL A 146 33.91 -19.23 -5.25
N PRO A 147 33.47 -19.82 -4.13
CA PRO A 147 34.30 -20.84 -3.48
C PRO A 147 34.42 -22.06 -4.37
N ASN A 148 35.41 -22.91 -4.07
CA ASN A 148 35.67 -24.10 -4.88
C ASN A 148 36.35 -23.73 -6.21
N GLU A 149 36.29 -22.46 -6.61
CA GLU A 149 37.24 -21.96 -7.59
C GLU A 149 38.57 -21.87 -6.85
N LYS A 150 39.66 -22.12 -7.57
CA LYS A 150 40.96 -22.28 -6.91
C LYS A 150 41.35 -21.03 -6.13
N GLY A 151 41.93 -21.24 -4.96
CA GLY A 151 42.38 -20.15 -4.12
C GLY A 151 41.31 -19.36 -3.39
N VAL A 152 40.06 -19.84 -3.37
CA VAL A 152 39.02 -19.17 -2.58
C VAL A 152 38.42 -20.22 -1.65
N SER A 153 38.28 -19.90 -0.36
CA SER A 153 37.63 -20.80 0.59
C SER A 153 36.68 -19.97 1.45
N VAL A 154 35.47 -20.45 1.70
CA VAL A 154 34.55 -19.69 2.54
C VAL A 154 34.01 -20.66 3.57
N LYS A 155 33.88 -20.18 4.83
CA LYS A 155 33.11 -20.91 5.82
C LYS A 155 32.01 -20.00 6.32
N GLU A 156 30.88 -20.60 6.66
CA GLU A 156 29.68 -19.82 6.98
C GLU A 156 29.03 -20.33 8.26
N GLN A 157 28.32 -19.43 8.92
CA GLN A 157 27.66 -19.73 10.18
C GLN A 157 26.32 -19.01 10.24
N THR A 158 25.33 -19.69 10.79
CA THR A 158 24.00 -19.07 11.01
C THR A 158 23.59 -19.25 12.47
N ARG A 159 23.13 -18.16 13.09
CA ARG A 159 22.57 -18.19 14.44
CA ARG A 159 22.57 -18.19 14.44
C ARG A 159 21.24 -17.49 14.43
N ARG A 160 20.43 -17.77 15.46
CA ARG A 160 19.13 -17.08 15.58
C ARG A 160 19.05 -16.35 16.90
N HIS A 161 18.44 -15.17 16.86
CA HIS A 161 18.18 -14.47 18.13
C HIS A 161 17.17 -15.28 18.95
N PRO A 162 17.46 -15.57 20.23
CA PRO A 162 16.61 -16.52 20.98
C PRO A 162 15.23 -16.02 21.25
N GLU A 163 15.00 -14.71 21.20
CA GLU A 163 13.70 -14.13 21.48
CA GLU A 163 13.67 -14.22 21.46
C GLU A 163 12.95 -13.71 20.21
N THR A 164 13.64 -13.12 19.23
CA THR A 164 12.94 -12.64 18.04
C THR A 164 12.92 -13.65 16.91
N GLY A 165 13.82 -14.64 16.93
CA GLY A 165 13.90 -15.58 15.83
C GLY A 165 14.64 -15.06 14.61
N LEU A 166 15.10 -13.80 14.60
CA LEU A 166 15.80 -13.26 13.45
C LEU A 166 17.22 -13.82 13.33
N PHE A 167 17.72 -13.89 12.08
CA PHE A 167 18.98 -14.56 11.80
C PHE A 167 20.19 -13.63 11.80
N THR A 168 21.30 -14.14 12.31
CA THR A 168 22.61 -13.51 12.21
C THR A 168 23.46 -14.44 11.37
N LEU A 169 24.07 -13.90 10.30
CA LEU A 169 24.89 -14.69 9.42
C LEU A 169 26.33 -14.22 9.55
N GLN A 170 27.27 -15.15 9.44
CA GLN A 170 28.70 -14.84 9.46
CA GLN A 170 28.69 -14.81 9.43
C GLN A 170 29.36 -15.59 8.31
N SER A 171 30.27 -14.94 7.57
CA SER A 171 30.95 -15.59 6.47
C SER A 171 32.43 -15.22 6.55
N GLU A 172 33.29 -16.21 6.63
CA GLU A 172 34.73 -16.00 6.70
CA GLU A 172 34.73 -16.00 6.71
C GLU A 172 35.36 -16.36 5.37
N LEU A 173 36.06 -15.40 4.76
CA LEU A 173 36.72 -15.58 3.46
C LEU A 173 38.20 -15.83 3.64
N MET A 174 38.73 -16.85 2.98
CA MET A 174 40.17 -17.04 2.83
C MET A 174 40.51 -17.07 1.36
N VAL A 175 41.67 -16.49 0.98
CA VAL A 175 42.08 -16.51 -0.42
C VAL A 175 43.58 -16.84 -0.48
N THR A 176 44.00 -17.44 -1.59
CA THR A 176 45.42 -17.58 -1.94
C THR A 176 45.69 -16.65 -3.11
N PRO A 177 46.24 -15.45 -2.90
CA PRO A 177 46.48 -14.56 -4.05
C PRO A 177 47.52 -15.16 -4.98
N ALA A 178 47.26 -15.04 -6.27
CA ALA A 178 48.20 -15.56 -7.26
C ALA A 178 49.35 -14.57 -7.47
N ARG A 179 50.56 -15.11 -7.54
CA ARG A 179 51.74 -14.28 -7.74
CA ARG A 179 51.74 -14.28 -7.74
C ARG A 179 51.59 -13.40 -8.97
N GLY A 180 52.04 -12.16 -8.85
CA GLY A 180 51.87 -11.21 -9.93
C GLY A 180 50.51 -10.56 -10.00
N GLY A 181 49.70 -10.69 -8.94
CA GLY A 181 48.38 -10.10 -8.93
C GLY A 181 48.42 -8.64 -8.47
N ASP A 182 47.22 -8.09 -8.27
CA ASP A 182 47.12 -6.68 -7.85
C ASP A 182 47.59 -6.56 -6.41
N PRO A 183 48.52 -5.65 -6.10
CA PRO A 183 48.97 -5.51 -4.70
C PRO A 183 47.95 -4.83 -3.81
N ARG A 184 46.90 -4.23 -4.36
CA ARG A 184 45.87 -3.58 -3.55
C ARG A 184 44.45 -3.99 -4.00
N PRO A 185 44.11 -5.28 -3.89
CA PRO A 185 42.75 -5.74 -4.28
C PRO A 185 41.71 -5.15 -3.35
N THR A 186 40.47 -5.08 -3.84
CA THR A 186 39.36 -4.51 -3.07
C THR A 186 38.28 -5.57 -2.89
N PHE A 187 37.98 -5.87 -1.63
CA PHE A 187 37.00 -6.89 -1.27
C PHE A 187 35.76 -6.23 -0.67
N SER A 188 34.60 -6.86 -0.90
CA SER A 188 33.41 -6.44 -0.19
C SER A 188 32.53 -7.65 0.01
N CYS A 189 31.55 -7.50 0.88
CA CYS A 189 30.59 -8.58 1.14
C CYS A 189 29.20 -8.03 0.96
N SER A 190 28.27 -8.86 0.45
CA SER A 190 26.89 -8.44 0.22
CA SER A 190 26.88 -8.45 0.21
C SER A 190 25.92 -9.40 0.90
N PHE A 191 24.85 -8.85 1.45
CA PHE A 191 23.72 -9.64 1.96
C PHE A 191 22.66 -9.69 0.87
N SER A 192 22.26 -10.91 0.51
CA SER A 192 21.18 -11.10 -0.45
CA SER A 192 21.20 -11.15 -0.46
C SER A 192 19.96 -11.64 0.28
N PRO A 193 18.85 -10.89 0.28
CA PRO A 193 17.62 -11.34 0.98
C PRO A 193 17.07 -12.63 0.41
N GLY A 194 16.26 -13.30 1.25
CA GLY A 194 15.59 -14.52 0.81
C GLY A 194 14.42 -14.26 -0.13
N LEU A 195 13.73 -13.14 0.00
CA LEU A 195 12.57 -13.01 -0.88
C LEU A 195 12.92 -12.34 -2.23
N PRO A 196 12.15 -12.61 -3.31
CA PRO A 196 12.45 -11.99 -4.61
C PRO A 196 12.23 -10.48 -4.60
N ARG A 197 13.03 -9.80 -5.40
CA ARG A 197 12.92 -8.35 -5.64
C ARG A 197 13.32 -7.52 -4.43
N HIS A 198 13.80 -8.12 -3.35
CA HIS A 198 14.37 -7.32 -2.27
C HIS A 198 15.84 -7.02 -2.61
N ARG A 199 16.29 -5.81 -2.27
CA ARG A 199 17.61 -5.33 -2.67
C ARG A 199 18.72 -5.92 -1.79
N ALA A 200 19.87 -6.17 -2.42
CA ALA A 200 21.07 -6.55 -1.66
C ALA A 200 21.58 -5.36 -0.86
N LEU A 201 22.29 -5.67 0.24
CA LEU A 201 22.96 -4.69 1.08
C LEU A 201 24.46 -4.99 1.04
N ARG A 202 25.29 -3.94 0.96
CA ARG A 202 26.72 -4.18 0.75
C ARG A 202 27.53 -3.52 1.84
N THR A 203 28.66 -4.15 2.17
CA THR A 203 29.57 -3.59 3.16
C THR A 203 30.44 -2.53 2.50
N ALA A 204 31.04 -1.71 3.35
CA ALA A 204 32.15 -0.89 2.91
C ALA A 204 33.27 -1.80 2.40
N PRO A 205 34.03 -1.36 1.39
CA PRO A 205 35.12 -2.22 0.88
C PRO A 205 36.33 -2.24 1.81
N ILE A 206 37.15 -3.25 1.65
CA ILE A 206 38.45 -3.29 2.31
C ILE A 206 39.49 -3.46 1.24
N GLN A 207 40.70 -2.96 1.49
CA GLN A 207 41.76 -2.97 0.49
CA GLN A 207 41.77 -2.96 0.49
C GLN A 207 43.08 -3.34 1.17
N PRO A 208 43.33 -4.63 1.36
CA PRO A 208 44.59 -5.06 1.95
C PRO A 208 45.74 -4.89 0.96
N ARG A 209 46.96 -4.98 1.50
CA ARG A 209 48.17 -5.03 0.69
C ARG A 209 48.57 -6.49 0.48
N VAL A 210 48.95 -6.84 -0.75
CA VAL A 210 49.45 -8.17 -1.05
C VAL A 210 50.96 -8.11 -1.24
N TRP A 211 51.68 -8.93 -0.51
CA TRP A 211 53.13 -9.00 -0.63
CA TRP A 211 53.14 -9.03 -0.61
C TRP A 211 53.52 -10.15 -1.55
N GLU A 212 54.35 -9.86 -2.54
CA GLU A 212 54.86 -10.88 -3.44
C GLU A 212 55.89 -11.75 -2.73
N GLY B 1 0.13 26.12 4.63
CA GLY B 1 0.65 25.21 5.64
C GLY B 1 2.08 24.82 5.26
N ALA B 2 2.57 23.71 5.82
CA ALA B 2 3.93 23.24 5.53
C ALA B 2 3.91 22.23 4.39
N MET B 3 5.11 21.85 3.94
CA MET B 3 5.18 20.78 2.95
C MET B 3 4.69 19.45 3.55
N ALA B 4 3.86 18.74 2.80
CA ALA B 4 3.31 17.49 3.30
C ALA B 4 3.24 16.45 2.20
N GLN B 5 3.17 15.17 2.62
CA GLN B 5 2.81 14.13 1.67
C GLN B 5 1.30 14.08 1.54
N ASN B 6 0.80 14.21 0.31
CA ASN B 6 -0.64 14.08 0.06
C ASN B 6 -1.09 12.63 0.15
N ILE B 7 -2.20 12.38 0.88
CA ILE B 7 -2.74 11.04 1.07
C ILE B 7 -4.20 11.11 0.67
N THR B 8 -4.66 10.15 -0.16
CA THR B 8 -6.08 10.05 -0.46
C THR B 8 -6.59 8.75 0.15
N ALA B 9 -7.68 8.85 0.90
CA ALA B 9 -8.18 7.73 1.67
C ALA B 9 -9.63 7.54 1.30
N ARG B 10 -10.00 6.34 0.92
CA ARG B 10 -11.39 6.08 0.54
C ARG B 10 -12.23 5.95 1.79
N ILE B 11 -13.38 6.62 1.78
CA ILE B 11 -14.31 6.54 2.90
C ILE B 11 -14.70 5.10 3.18
N GLY B 12 -14.66 4.72 4.47
CA GLY B 12 -15.08 3.41 4.92
C GLY B 12 -13.94 2.40 4.97
N GLU B 13 -12.78 2.74 4.38
CA GLU B 13 -11.61 1.84 4.35
C GLU B 13 -10.66 2.22 5.47
N PRO B 14 -9.78 1.30 5.88
CA PRO B 14 -8.77 1.66 6.88
C PRO B 14 -7.69 2.54 6.30
N LEU B 15 -7.03 3.27 7.21
CA LEU B 15 -5.88 4.06 6.80
C LEU B 15 -4.75 3.82 7.78
N VAL B 16 -3.54 3.57 7.27
CA VAL B 16 -2.34 3.48 8.11
C VAL B 16 -1.38 4.56 7.64
N LEU B 17 -0.91 5.36 8.59
CA LEU B 17 0.09 6.40 8.30
C LEU B 17 1.39 6.09 9.06
N LYS B 18 2.51 6.06 8.32
CA LYS B 18 3.81 5.72 8.91
C LYS B 18 4.38 6.88 9.72
N CYS B 19 4.92 6.57 10.89
CA CYS B 19 5.67 7.57 11.67
C CYS B 19 7.14 7.37 11.32
N LYS B 20 7.64 8.20 10.41
CA LYS B 20 9.00 8.00 9.92
C LYS B 20 9.99 8.16 11.06
N GLY B 21 11.04 7.33 11.08
CA GLY B 21 12.04 7.52 12.12
C GLY B 21 11.68 6.99 13.50
N ALA B 22 10.53 6.33 13.66
CA ALA B 22 10.19 5.73 14.95
C ALA B 22 10.90 4.39 15.10
N PRO B 23 11.33 4.02 16.32
CA PRO B 23 11.85 2.66 16.54
C PRO B 23 10.84 1.61 16.13
N LYS B 24 11.33 0.42 15.80
CA LYS B 24 10.46 -0.63 15.25
C LYS B 24 9.41 -1.12 16.22
N LYS B 25 9.70 -1.08 17.51
CA LYS B 25 8.84 -1.63 18.52
C LYS B 25 8.95 -0.77 19.76
N PRO B 26 8.00 -0.85 20.68
CA PRO B 26 8.07 -0.04 21.88
C PRO B 26 9.28 -0.45 22.71
N PRO B 27 9.77 0.43 23.59
CA PRO B 27 9.28 1.80 23.87
C PRO B 27 9.70 2.80 22.79
N GLN B 28 8.86 3.79 22.55
CA GLN B 28 9.10 4.79 21.52
C GLN B 28 8.75 6.15 22.09
N ARG B 29 9.63 7.12 21.87
CA ARG B 29 9.31 8.51 22.19
C ARG B 29 8.75 9.08 20.89
N LEU B 30 7.43 9.08 20.77
CA LEU B 30 6.82 9.66 19.59
C LEU B 30 5.46 10.24 19.96
N GLU B 31 5.01 11.21 19.14
CA GLU B 31 3.69 11.80 19.34
C GLU B 31 3.05 12.06 18.00
N TRP B 32 1.76 11.75 17.87
CA TRP B 32 0.97 12.15 16.70
C TRP B 32 0.15 13.38 17.07
N LYS B 33 0.02 14.29 16.13
CA LYS B 33 -0.88 15.45 16.26
CA LYS B 33 -0.87 15.43 16.28
C LYS B 33 -1.76 15.49 15.05
N LEU B 34 -3.08 15.67 15.25
CA LEU B 34 -3.95 15.72 14.10
C LEU B 34 -4.91 16.91 14.21
N ASN B 35 -5.25 17.47 13.07
CA ASN B 35 -6.24 18.56 13.01
C ASN B 35 -7.17 18.18 11.88
N THR B 36 -8.38 17.73 12.23
CA THR B 36 -9.30 17.20 11.24
C THR B 36 -10.69 17.75 11.51
N GLY B 37 -11.68 17.27 10.78
CA GLY B 37 -13.04 17.68 11.11
C GLY B 37 -13.51 17.22 12.48
N ARG B 38 -12.81 16.28 13.10
CA ARG B 38 -13.16 15.80 14.43
C ARG B 38 -12.61 16.67 15.54
N THR B 39 -11.61 17.53 15.24
CA THR B 39 -10.86 18.16 16.34
C THR B 39 -11.18 19.65 16.42
N GLU B 40 -10.89 20.21 17.59
CA GLU B 40 -10.76 21.68 17.75
C GLU B 40 -9.24 21.97 17.69
N ALA B 41 -8.79 22.42 16.53
CA ALA B 41 -7.33 22.67 16.32
C ALA B 41 -6.57 21.34 16.52
N TRP B 42 -5.40 21.32 17.16
CA TRP B 42 -4.62 20.08 17.21
CA TRP B 42 -4.62 20.09 17.22
C TRP B 42 -5.04 19.19 18.37
N LYS B 43 -5.10 17.89 18.11
CA LYS B 43 -5.30 16.86 19.12
C LYS B 43 -4.03 16.02 19.16
N VAL B 44 -3.46 15.78 20.36
CA VAL B 44 -2.29 14.92 20.48
C VAL B 44 -2.70 13.49 20.83
N LEU B 45 -2.11 12.52 20.13
CA LEU B 45 -2.32 11.07 20.37
C LEU B 45 -0.98 10.41 20.66
N SER B 46 -0.96 9.50 21.61
CA SER B 46 0.29 8.91 22.04
C SER B 46 0.19 7.40 21.99
N PRO B 47 1.34 6.71 22.04
CA PRO B 47 1.31 5.24 22.01
C PRO B 47 0.46 4.63 23.10
N GLN B 48 0.36 5.26 24.28
CA GLN B 48 -0.48 4.71 25.35
C GLN B 48 -1.96 4.76 24.98
N GLY B 49 -2.38 5.83 24.30
CA GLY B 49 -3.77 5.89 23.89
C GLY B 49 -4.67 6.08 25.10
N GLY B 50 -5.90 5.59 24.98
CA GLY B 50 -6.94 5.73 25.98
C GLY B 50 -8.03 6.69 25.51
N GLY B 51 -9.19 6.53 26.12
CA GLY B 51 -10.29 7.45 25.87
C GLY B 51 -11.02 7.19 24.57
N PRO B 52 -11.92 8.12 24.22
CA PRO B 52 -12.79 7.94 23.04
C PRO B 52 -12.03 7.86 21.75
N TRP B 53 -10.85 8.49 21.69
CA TRP B 53 -10.05 8.38 20.47
C TRP B 53 -9.63 6.95 20.17
N ASP B 54 -9.57 6.08 21.18
CA ASP B 54 -9.20 4.68 20.88
C ASP B 54 -10.19 4.03 19.91
N SER B 55 -11.42 4.57 19.80
CA SER B 55 -12.39 4.04 18.84
C SER B 55 -12.15 4.54 17.42
N VAL B 56 -11.35 5.59 17.26
CA VAL B 56 -11.23 6.30 16.00
C VAL B 56 -9.84 6.14 15.39
N ALA B 57 -8.79 6.37 16.18
CA ALA B 57 -7.42 6.33 15.65
C ALA B 57 -6.52 5.90 16.80
N ARG B 58 -5.68 4.89 16.53
CA ARG B 58 -4.79 4.36 17.56
C ARG B 58 -3.39 4.23 17.00
N VAL B 59 -2.40 4.43 17.87
CA VAL B 59 -1.00 4.20 17.50
C VAL B 59 -0.71 2.71 17.59
N LEU B 60 -0.12 2.17 16.54
CA LEU B 60 0.21 0.74 16.48
C LEU B 60 1.56 0.45 17.12
N PRO B 61 1.90 -0.85 17.28
CA PRO B 61 3.21 -1.18 17.87
C PRO B 61 4.39 -0.56 17.16
N ASN B 62 4.38 -0.44 15.85
CA ASN B 62 5.49 0.16 15.14
C ASN B 62 5.38 1.70 15.09
N GLY B 63 4.44 2.25 15.80
CA GLY B 63 4.34 3.73 15.81
C GLY B 63 3.44 4.32 14.76
N SER B 64 2.99 3.54 13.77
CA SER B 64 2.08 4.07 12.75
C SER B 64 0.73 4.41 13.38
N LEU B 65 0.02 5.36 12.76
CA LEU B 65 -1.32 5.67 13.19
C LEU B 65 -2.32 4.87 12.37
N PHE B 66 -3.36 4.35 13.01
CA PHE B 66 -4.30 3.46 12.32
C PHE B 66 -5.72 3.95 12.54
N LEU B 67 -6.46 4.17 11.45
CA LEU B 67 -7.89 4.45 11.52
C LEU B 67 -8.62 3.26 10.88
N PRO B 68 -9.46 2.57 11.59
CA PRO B 68 -10.08 1.36 11.01
C PRO B 68 -11.04 1.66 9.87
N ALA B 69 -11.73 2.81 9.89
CA ALA B 69 -12.68 3.12 8.83
C ALA B 69 -12.77 4.64 8.69
N VAL B 70 -12.14 5.18 7.63
CA VAL B 70 -12.06 6.62 7.42
C VAL B 70 -13.43 7.19 7.16
N GLY B 71 -13.70 8.37 7.73
CA GLY B 71 -14.92 9.10 7.42
C GLY B 71 -14.62 10.47 6.84
N ILE B 72 -15.70 11.13 6.38
CA ILE B 72 -15.54 12.49 5.87
C ILE B 72 -14.84 13.37 6.89
N GLN B 73 -15.18 13.18 8.18
CA GLN B 73 -14.61 14.11 9.17
C GLN B 73 -13.13 13.85 9.44
N ASP B 74 -12.54 12.79 8.88
CA ASP B 74 -11.10 12.58 9.07
C ASP B 74 -10.22 13.34 8.09
N GLU B 75 -10.80 14.08 7.15
CA GLU B 75 -10.01 14.98 6.32
C GLU B 75 -9.21 15.97 7.17
N GLY B 76 -7.94 16.16 6.83
CA GLY B 76 -7.21 17.16 7.63
C GLY B 76 -5.71 16.86 7.59
N ILE B 77 -5.03 17.25 8.65
CA ILE B 77 -3.57 17.17 8.68
C ILE B 77 -3.16 16.23 9.79
N PHE B 78 -2.20 15.31 9.50
CA PHE B 78 -1.76 14.32 10.48
C PHE B 78 -0.25 14.41 10.55
N ARG B 79 0.32 14.59 11.74
CA ARG B 79 1.77 14.77 11.87
C ARG B 79 2.32 13.89 12.96
N CYS B 80 3.53 13.41 12.74
CA CYS B 80 4.22 12.61 13.76
C CYS B 80 5.58 13.25 14.04
N GLN B 81 6.00 13.19 15.28
CA GLN B 81 7.41 13.45 15.58
C GLN B 81 7.94 12.30 16.43
N ALA B 82 9.08 11.72 16.01
CA ALA B 82 9.63 10.55 16.70
C ALA B 82 11.11 10.77 16.96
N MET B 83 11.61 10.18 18.05
CA MET B 83 13.06 10.05 18.27
C MET B 83 13.44 8.60 18.04
N ASN B 84 14.48 8.35 17.24
CA ASN B 84 14.99 6.98 17.17
C ASN B 84 15.86 6.70 18.41
N ARG B 85 16.46 5.50 18.48
CA ARG B 85 17.24 5.16 19.66
C ARG B 85 18.58 5.89 19.73
N ASN B 86 19.02 6.49 18.63
CA ASN B 86 20.23 7.32 18.61
C ASN B 86 19.98 8.75 19.05
N GLY B 87 18.72 9.16 19.19
CA GLY B 87 18.39 10.53 19.57
C GLY B 87 17.97 11.44 18.43
N LYS B 88 18.03 10.98 17.18
CA LYS B 88 17.63 11.84 16.07
C LYS B 88 16.11 11.97 16.03
N GLU B 89 15.63 13.20 15.86
CA GLU B 89 14.20 13.47 15.71
C GLU B 89 13.82 13.51 14.24
N THR B 90 12.67 12.93 13.91
CA THR B 90 12.21 12.89 12.53
C THR B 90 10.75 13.28 12.56
N LYS B 91 10.36 14.11 11.62
CA LYS B 91 8.97 14.57 11.48
C LYS B 91 8.30 13.97 10.25
N SER B 92 6.99 13.71 10.35
CA SER B 92 6.19 13.24 9.24
C SER B 92 4.97 14.15 9.17
N ASN B 93 4.63 14.59 7.98
CA ASN B 93 3.54 15.54 7.77
C ASN B 93 2.69 15.01 6.62
N TYR B 94 1.40 14.72 6.89
CA TYR B 94 0.49 14.18 5.90
C TYR B 94 -0.73 15.09 5.77
N ARG B 95 -1.15 15.32 4.53
CA ARG B 95 -2.42 16.00 4.27
CA ARG B 95 -2.42 15.99 4.26
C ARG B 95 -3.37 14.94 3.74
N VAL B 96 -4.42 14.61 4.52
CA VAL B 96 -5.32 13.50 4.18
C VAL B 96 -6.60 14.08 3.58
N ARG B 97 -6.91 13.61 2.36
CA ARG B 97 -8.15 13.98 1.66
C ARG B 97 -8.95 12.70 1.46
N VAL B 98 -10.27 12.75 1.69
CA VAL B 98 -11.00 11.52 1.61
C VAL B 98 -11.92 11.57 0.40
N TYR B 99 -12.31 10.37 -0.05
CA TYR B 99 -13.14 10.30 -1.25
C TYR B 99 -14.05 9.07 -1.22
N GLN B 100 -15.09 9.13 -2.05
CA GLN B 100 -15.88 7.95 -2.37
C GLN B 100 -16.21 7.95 -3.86
N ILE B 101 -16.22 6.76 -4.43
CA ILE B 101 -16.51 6.60 -5.85
C ILE B 101 -18.02 6.36 -5.99
N PRO B 102 -18.71 7.12 -6.85
CA PRO B 102 -20.15 6.88 -7.02
C PRO B 102 -20.39 5.61 -7.84
N GLY B 103 -21.65 5.16 -7.84
CA GLY B 103 -22.04 4.14 -8.79
C GLY B 103 -21.92 4.66 -10.21
N LYS B 104 -21.91 3.74 -11.16
CA LYS B 104 -21.85 4.09 -12.57
C LYS B 104 -22.97 5.10 -12.88
N PRO B 105 -22.69 6.19 -13.59
CA PRO B 105 -23.77 7.15 -13.87
C PRO B 105 -24.77 6.58 -14.85
N GLU B 106 -25.98 7.12 -14.79
CA GLU B 106 -27.07 6.62 -15.63
C GLU B 106 -27.77 7.78 -16.27
N ILE B 107 -28.27 7.59 -17.50
CA ILE B 107 -29.13 8.57 -18.14
C ILE B 107 -30.58 8.11 -17.94
N VAL B 108 -31.42 8.99 -17.40
CA VAL B 108 -32.85 8.76 -17.24
C VAL B 108 -33.66 9.77 -18.08
N ASP B 109 -34.91 9.39 -18.37
CA ASP B 109 -35.85 10.19 -19.14
C ASP B 109 -35.22 10.70 -20.45
N SER B 110 -34.52 9.82 -21.15
CA SER B 110 -33.90 10.20 -22.40
C SER B 110 -34.95 10.32 -23.50
N ALA B 111 -34.73 11.25 -24.42
CA ALA B 111 -35.67 11.43 -25.52
C ALA B 111 -35.35 10.43 -26.61
N SER B 112 -36.41 9.88 -27.24
CA SER B 112 -36.11 9.06 -28.40
C SER B 112 -36.18 9.86 -29.68
N GLU B 113 -36.86 10.99 -29.68
CA GLU B 113 -36.98 11.82 -30.87
CA GLU B 113 -37.01 11.83 -30.87
C GLU B 113 -36.61 13.25 -30.53
N LEU B 114 -35.80 13.87 -31.39
CA LEU B 114 -35.52 15.29 -31.33
C LEU B 114 -36.01 15.95 -32.60
N THR B 115 -36.41 17.20 -32.51
CA THR B 115 -36.78 18.00 -33.68
C THR B 115 -35.71 19.06 -33.94
N ALA B 116 -35.16 19.04 -35.17
CA ALA B 116 -34.15 20.02 -35.58
C ALA B 116 -34.69 21.45 -35.49
N GLY B 117 -33.82 22.39 -35.09
CA GLY B 117 -34.13 23.80 -35.13
C GLY B 117 -34.93 24.31 -33.96
N VAL B 118 -35.27 23.43 -33.03
CA VAL B 118 -35.96 23.82 -31.80
C VAL B 118 -35.35 23.12 -30.60
N PRO B 119 -35.49 23.71 -29.41
CA PRO B 119 -34.93 23.08 -28.21
C PRO B 119 -35.61 21.77 -27.86
N ASN B 120 -34.79 20.79 -27.48
CA ASN B 120 -35.25 19.47 -27.08
C ASN B 120 -34.55 19.08 -25.79
N LYS B 121 -35.29 18.50 -24.83
CA LYS B 121 -34.67 17.82 -23.68
C LYS B 121 -34.08 16.49 -24.15
N VAL B 122 -32.77 16.32 -24.04
CA VAL B 122 -32.16 15.07 -24.46
C VAL B 122 -32.27 14.03 -23.36
N GLY B 123 -32.04 14.43 -22.11
CA GLY B 123 -32.12 13.47 -21.04
C GLY B 123 -31.53 14.07 -19.78
N THR B 124 -31.57 13.26 -18.71
CA THR B 124 -31.01 13.65 -17.41
C THR B 124 -30.01 12.62 -16.97
N CYS B 125 -28.80 13.04 -16.67
CA CYS B 125 -27.79 12.12 -16.18
C CYS B 125 -27.76 12.19 -14.64
N VAL B 126 -27.57 11.05 -13.98
CA VAL B 126 -27.60 10.98 -12.52
C VAL B 126 -26.41 10.16 -12.02
N SER B 127 -25.71 10.68 -11.00
CA SER B 127 -24.61 9.94 -10.38
C SER B 127 -24.86 9.98 -8.88
N GLU B 128 -24.76 8.84 -8.20
CA GLU B 128 -25.09 8.74 -6.77
C GLU B 128 -23.90 8.22 -5.99
N GLY B 129 -23.57 8.93 -4.92
CA GLY B 129 -22.66 8.43 -3.92
C GLY B 129 -21.22 8.90 -4.03
N SER B 130 -20.98 10.12 -4.51
CA SER B 130 -19.60 10.59 -4.65
C SER B 130 -19.15 11.41 -3.43
N TYR B 131 -17.81 11.45 -3.22
CA TYR B 131 -17.22 12.45 -2.32
C TYR B 131 -15.81 12.65 -2.84
N PRO B 132 -15.35 13.89 -3.04
CA PRO B 132 -16.11 15.15 -3.02
C PRO B 132 -17.13 15.13 -4.16
N ALA B 133 -17.92 16.20 -4.32
CA ALA B 133 -19.08 16.09 -5.22
C ALA B 133 -18.67 15.60 -6.61
N GLY B 134 -17.58 16.20 -7.20
CA GLY B 134 -17.30 15.88 -8.63
C GLY B 134 -18.30 16.59 -9.55
N THR B 135 -18.24 16.28 -10.85
CA THR B 135 -19.05 17.02 -11.82
C THR B 135 -19.54 16.07 -12.90
N LEU B 136 -20.66 16.43 -13.54
CA LEU B 136 -21.16 15.69 -14.69
C LEU B 136 -20.96 16.50 -15.97
N SER B 137 -20.67 15.81 -17.08
CA SER B 137 -20.53 16.53 -18.36
C SER B 137 -21.08 15.67 -19.50
N TRP B 138 -21.61 16.33 -20.53
CA TRP B 138 -22.21 15.65 -21.67
C TRP B 138 -21.26 15.63 -22.86
N HIS B 139 -21.39 14.58 -23.65
CA HIS B 139 -20.59 14.38 -24.84
CA HIS B 139 -20.58 14.38 -24.84
C HIS B 139 -21.50 14.05 -26.00
N LEU B 140 -21.13 14.53 -27.19
CA LEU B 140 -21.87 14.23 -28.42
C LEU B 140 -20.89 13.59 -29.38
N ASP B 141 -21.18 12.35 -29.79
CA ASP B 141 -20.31 11.61 -30.70
C ASP B 141 -18.85 11.73 -30.27
N GLY B 142 -18.62 11.54 -28.97
CA GLY B 142 -17.30 11.56 -28.40
C GLY B 142 -16.70 12.93 -28.17
N LYS B 143 -17.40 13.99 -28.48
CA LYS B 143 -16.83 15.30 -28.22
C LYS B 143 -17.56 15.97 -27.06
N PRO B 144 -16.84 16.62 -26.15
CA PRO B 144 -17.50 17.38 -25.08
C PRO B 144 -18.51 18.39 -25.60
N LEU B 145 -19.68 18.42 -24.98
CA LEU B 145 -20.65 19.47 -25.20
C LEU B 145 -20.44 20.59 -24.20
N VAL B 146 -20.38 21.82 -24.68
CA VAL B 146 -20.10 22.99 -23.84
C VAL B 146 -21.38 23.82 -23.73
N PRO B 147 -21.88 24.09 -22.52
CA PRO B 147 -23.11 24.88 -22.40
C PRO B 147 -22.97 26.32 -22.91
N ASN B 148 -21.75 26.84 -22.96
CA ASN B 148 -21.58 28.19 -23.48
C ASN B 148 -21.78 28.27 -24.99
N GLU B 149 -21.68 27.13 -25.69
CA GLU B 149 -21.95 27.05 -27.14
C GLU B 149 -23.44 27.14 -27.50
N LYS B 150 -23.73 27.76 -28.64
CA LYS B 150 -25.11 27.96 -29.07
C LYS B 150 -25.81 26.62 -29.29
N GLY B 151 -27.09 26.58 -28.94
CA GLY B 151 -27.86 25.35 -29.10
C GLY B 151 -27.58 24.28 -28.06
N VAL B 152 -26.82 24.58 -27.00
CA VAL B 152 -26.64 23.64 -25.89
C VAL B 152 -27.03 24.38 -24.62
N SER B 153 -27.87 23.74 -23.78
CA SER B 153 -28.23 24.29 -22.47
C SER B 153 -28.14 23.18 -21.45
N VAL B 154 -27.56 23.46 -20.29
CA VAL B 154 -27.48 22.43 -19.25
C VAL B 154 -28.00 23.05 -17.96
N LYS B 155 -28.76 22.27 -17.20
CA LYS B 155 -29.06 22.64 -15.83
C LYS B 155 -28.60 21.53 -14.91
N GLU B 156 -28.17 21.91 -13.70
CA GLU B 156 -27.52 20.95 -12.82
C GLU B 156 -28.08 21.07 -11.40
N GLN B 157 -28.00 19.97 -10.69
CA GLN B 157 -28.52 19.88 -9.33
C GLN B 157 -27.60 19.01 -8.49
N THR B 158 -27.41 19.41 -7.21
CA THR B 158 -26.60 18.64 -6.26
C THR B 158 -27.42 18.40 -4.99
N ARG B 159 -27.43 17.15 -4.51
CA ARG B 159 -28.08 16.77 -3.25
CA ARG B 159 -28.08 16.78 -3.26
C ARG B 159 -27.12 15.96 -2.43
N ARG B 160 -27.36 15.89 -1.12
CA ARG B 160 -26.52 15.06 -0.25
C ARG B 160 -27.35 14.04 0.45
N HIS B 161 -26.79 12.84 0.59
CA HIS B 161 -27.48 11.83 1.40
C HIS B 161 -27.50 12.31 2.86
N PRO B 162 -28.66 12.31 3.54
CA PRO B 162 -28.76 12.95 4.85
C PRO B 162 -27.96 12.27 5.92
N GLU B 163 -27.65 10.99 5.73
CA GLU B 163 -26.91 10.23 6.73
C GLU B 163 -25.44 10.05 6.38
N THR B 164 -25.12 9.77 5.11
CA THR B 164 -23.72 9.52 4.76
C THR B 164 -22.99 10.76 4.29
N GLY B 165 -23.71 11.81 3.89
CA GLY B 165 -23.07 13.00 3.36
C GLY B 165 -22.62 12.89 1.90
N LEU B 166 -22.76 11.73 1.26
CA LEU B 166 -22.32 11.54 -0.12
C LEU B 166 -23.24 12.27 -1.09
N PHE B 167 -22.66 12.71 -2.22
CA PHE B 167 -23.36 13.56 -3.16
C PHE B 167 -24.07 12.79 -4.27
N THR B 168 -25.24 13.28 -4.64
CA THR B 168 -25.99 12.84 -5.82
C THR B 168 -26.03 14.03 -6.77
N LEU B 169 -25.60 13.82 -8.02
CA LEU B 169 -25.57 14.89 -8.99
C LEU B 169 -26.57 14.57 -10.07
N GLN B 170 -27.21 15.61 -10.61
CA GLN B 170 -28.11 15.44 -11.75
C GLN B 170 -27.84 16.54 -12.78
N SER B 171 -27.82 16.18 -14.06
CA SER B 171 -27.51 17.11 -15.12
C SER B 171 -28.52 16.91 -16.23
N GLU B 172 -29.28 17.94 -16.57
CA GLU B 172 -30.27 17.87 -17.65
CA GLU B 172 -30.28 17.88 -17.64
C GLU B 172 -29.75 18.61 -18.86
N LEU B 173 -29.67 17.90 -20.00
CA LEU B 173 -29.15 18.47 -21.25
C LEU B 173 -30.31 18.83 -22.18
N MET B 174 -30.29 20.03 -22.72
CA MET B 174 -31.16 20.41 -23.84
C MET B 174 -30.31 20.84 -25.02
N VAL B 175 -30.76 20.49 -26.23
CA VAL B 175 -30.02 20.89 -27.43
C VAL B 175 -31.00 21.38 -28.50
N THR B 176 -30.53 22.27 -29.37
CA THR B 176 -31.22 22.64 -30.61
C THR B 176 -30.41 22.05 -31.77
N PRO B 177 -30.79 20.90 -32.32
CA PRO B 177 -30.01 20.35 -33.45
C PRO B 177 -30.12 21.30 -34.64
N ALA B 178 -29.02 21.54 -35.32
CA ALA B 178 -29.08 22.42 -36.48
C ALA B 178 -29.61 21.67 -37.70
N ARG B 179 -30.46 22.35 -38.47
CA ARG B 179 -31.01 21.79 -39.70
C ARG B 179 -29.91 21.21 -40.57
N GLY B 180 -30.12 19.99 -41.04
CA GLY B 180 -29.13 19.32 -41.84
C GLY B 180 -28.07 18.56 -41.08
N GLY B 181 -28.27 18.31 -39.79
CA GLY B 181 -27.30 17.59 -38.99
C GLY B 181 -27.46 16.08 -39.10
N ASP B 182 -26.73 15.37 -38.22
CA ASP B 182 -26.76 13.91 -38.22
C ASP B 182 -28.12 13.45 -37.69
N PRO B 183 -28.83 12.55 -38.39
CA PRO B 183 -30.15 12.13 -37.91
C PRO B 183 -30.09 11.14 -36.75
N ARG B 184 -28.93 10.57 -36.44
CA ARG B 184 -28.80 9.63 -35.33
C ARG B 184 -27.58 9.97 -34.45
N PRO B 185 -27.55 11.16 -33.83
CA PRO B 185 -26.42 11.52 -32.94
C PRO B 185 -26.33 10.62 -31.73
N THR B 186 -25.14 10.54 -31.15
CA THR B 186 -24.91 9.69 -29.99
C THR B 186 -24.44 10.53 -28.82
N PHE B 187 -25.20 10.49 -27.74
CA PHE B 187 -24.90 11.28 -26.55
C PHE B 187 -24.46 10.37 -25.41
N SER B 188 -23.58 10.89 -24.55
CA SER B 188 -23.26 10.17 -23.33
C SER B 188 -22.96 11.21 -22.24
N CYS B 189 -22.94 10.73 -21.02
CA CYS B 189 -22.61 11.60 -19.88
C CYS B 189 -21.47 10.95 -19.10
N SER B 190 -20.57 11.78 -18.55
CA SER B 190 -19.42 11.30 -17.78
CA SER B 190 -19.43 11.28 -17.78
C SER B 190 -19.39 11.95 -16.41
N PHE B 191 -19.03 11.16 -15.41
CA PHE B 191 -18.75 11.68 -14.07
C PHE B 191 -17.24 11.88 -13.94
N SER B 192 -16.83 13.10 -13.59
CA SER B 192 -15.43 13.45 -13.36
CA SER B 192 -15.42 13.38 -13.35
C SER B 192 -15.22 13.61 -11.86
N PRO B 193 -14.38 12.79 -11.23
CA PRO B 193 -14.14 12.90 -9.79
C PRO B 193 -13.50 14.23 -9.41
N GLY B 194 -13.65 14.58 -8.13
CA GLY B 194 -13.01 15.78 -7.59
C GLY B 194 -11.50 15.64 -7.38
N LEU B 195 -11.02 14.44 -7.09
CA LEU B 195 -9.56 14.39 -6.83
C LEU B 195 -8.73 14.10 -8.10
N PRO B 196 -7.47 14.55 -8.15
CA PRO B 196 -6.64 14.32 -9.35
C PRO B 196 -6.32 12.85 -9.56
N ARG B 197 -6.20 12.47 -10.83
CA ARG B 197 -5.80 11.13 -11.24
C ARG B 197 -6.84 10.06 -10.94
N HIS B 198 -8.03 10.42 -10.46
CA HIS B 198 -9.11 9.43 -10.39
C HIS B 198 -9.81 9.40 -11.74
N ARG B 199 -10.22 8.20 -12.17
CA ARG B 199 -10.77 7.99 -13.51
C ARG B 199 -12.22 8.46 -13.63
N ALA B 200 -12.57 8.98 -14.81
CA ALA B 200 -13.96 9.28 -15.12
C ALA B 200 -14.76 8.00 -15.28
N LEU B 201 -16.07 8.10 -15.04
CA LEU B 201 -17.03 7.02 -15.27
C LEU B 201 -18.03 7.50 -16.31
N ARG B 202 -18.42 6.63 -17.25
CA ARG B 202 -19.26 7.09 -18.36
C ARG B 202 -20.53 6.27 -18.45
N THR B 203 -21.61 6.92 -18.90
CA THR B 203 -22.86 6.21 -19.07
C THR B 203 -22.85 5.44 -20.39
N ALA B 204 -23.77 4.51 -20.49
CA ALA B 204 -24.11 3.95 -21.79
C ALA B 204 -24.58 5.08 -22.70
N PRO B 205 -24.30 5.00 -23.99
CA PRO B 205 -24.75 6.07 -24.91
C PRO B 205 -26.24 6.00 -25.21
N ILE B 206 -26.77 7.11 -25.68
CA ILE B 206 -28.12 7.12 -26.22
C ILE B 206 -28.03 7.65 -27.63
N GLN B 207 -28.99 7.25 -28.46
CA GLN B 207 -28.99 7.54 -29.89
C GLN B 207 -30.39 7.91 -30.33
N PRO B 208 -30.81 9.15 -30.09
CA PRO B 208 -32.14 9.55 -30.55
C PRO B 208 -32.17 9.75 -32.06
N ARG B 209 -33.39 9.81 -32.59
CA ARG B 209 -33.60 10.20 -33.99
C ARG B 209 -33.89 11.67 -34.05
N VAL B 210 -33.29 12.38 -35.02
CA VAL B 210 -33.58 13.79 -35.25
C VAL B 210 -34.42 13.97 -36.51
N TRP B 211 -35.52 14.68 -36.38
CA TRP B 211 -36.41 14.99 -37.49
CA TRP B 211 -36.40 14.98 -37.50
C TRP B 211 -36.05 16.35 -38.09
N GLU B 212 -35.84 16.37 -39.40
CA GLU B 212 -35.65 17.62 -40.12
C GLU B 212 -36.98 18.32 -40.37
C ACT C . -3.08 -21.82 -1.30
O ACT C . -2.52 -22.88 -0.90
OXT ACT C . -4.23 -21.71 -1.64
CH3 ACT C . -2.16 -20.48 -1.38
C ACT D . -8.29 -25.49 -1.98
O ACT D . -7.14 -25.05 -2.12
OXT ACT D . -9.15 -25.21 -1.10
CH3 ACT D . -8.76 -26.55 -3.04
C ACT E . -7.26 -12.79 -4.74
O ACT E . -6.63 -12.03 -3.86
OXT ACT E . -7.72 -13.97 -4.65
CH3 ACT E . -7.50 -12.19 -6.10
C ACT F . 25.37 -22.34 8.18
O ACT F . 24.65 -23.02 9.05
OXT ACT F . 25.16 -21.18 7.70
CH3 ACT F . 26.70 -23.07 7.63
CL CL G . -6.48 -23.22 15.43
C01 V6M H . -12.54 -22.27 0.17
C03 V6M H . -12.52 -20.90 0.44
C04 V6M H . -11.67 -20.34 -0.44
C05 V6M H . -11.21 -21.35 -1.29
C06 V6M H . -13.35 -23.30 0.92
C07 V6M H . -13.26 -20.21 1.57
C08 V6M H . -10.19 -21.06 -2.45
C11 V6M H . -11.24 -18.83 -0.63
C12 V6M H . -10.29 -18.57 -1.75
C13 V6M H . -9.76 -19.64 -2.64
C14 V6M H . -9.70 -22.16 -3.38
C15 V6M H . -14.69 -20.62 1.91
C16 V6M H . -12.55 -19.11 2.35
C17 V6M H . -13.25 -18.42 3.50
C18 V6M H . -15.42 -19.94 3.05
C19 V6M H . -14.68 -18.85 3.83
N02 V6M H . -11.77 -22.54 -0.91
O09 V6M H . -14.19 -23.98 0.27
O10 V6M H . -13.17 -23.43 2.16
C ACT I . 0.29 21.30 6.59
O ACT I . 1.31 21.16 7.22
OXT ACT I . -0.49 22.28 6.65
CH3 ACT I . -0.13 20.11 5.56
C ACT J . 3.79 24.41 10.89
O ACT J . 3.80 23.83 11.99
OXT ACT J . 3.13 24.15 9.86
CH3 ACT J . 4.68 25.70 10.79
C ACT K . 6.58 12.81 5.14
O ACT K . 7.65 12.61 4.50
OXT ACT K . 5.47 12.09 5.18
CH3 ACT K . 6.64 14.03 5.96
CL CL L . -10.01 18.25 19.97
C01 V6M M . 5.36 20.34 14.60
C03 V6M M . 5.33 18.97 14.42
C04 V6M M . 5.46 18.72 13.09
C05 V6M M . 5.64 19.96 12.46
C06 V6M M . 5.24 21.07 15.93
C07 V6M M . 5.10 17.95 15.52
C08 V6M M . 5.84 20.08 10.90
C11 V6M M . 5.50 17.37 12.28
C12 V6M M . 5.70 17.50 10.81
C13 V6M M . 5.87 18.81 10.11
C14 V6M M . 6.03 21.42 10.21
C15 V6M M . 5.79 18.10 16.87
C16 V6M M . 4.16 16.77 15.24
C17 V6M M . 3.90 15.75 16.33
C18 V6M M . 5.56 17.09 17.97
C19 V6M M . 4.60 15.94 17.66
N02 V6M M . 5.59 20.95 13.40
O09 V6M M . 4.24 20.87 16.66
O10 V6M M . 6.19 21.83 16.25
#